data_5AMN
#
_entry.id   5AMN
#
_cell.length_a   50.570
_cell.length_b   50.570
_cell.length_c   242.840
_cell.angle_alpha   90.00
_cell.angle_beta   90.00
_cell.angle_gamma   90.00
#
_symmetry.space_group_name_H-M   'P 43 21 2'
#
loop_
_entity.id
_entity.type
_entity.pdbx_description
1 polymer 'PROTO-ONCOGENE TYROSINE-PROTEIN KINASE RECEPTOR RET'
2 non-polymer 4-[3-HYDROXYANILINO]-6,7-DIMETHOXYQUINAZOLINE
3 non-polymer 'FORMIC ACID'
4 water water
#
_entity_poly.entity_id   1
_entity_poly.type   'polypeptide(L)'
_entity_poly.pdbx_seq_one_letter_code
;GPLSLSVDAFKILEDPKWEFPRKNLVLGKTLGEGEFGKVVKATAFHLKGRAGYTTVAVKMLKENASPSELRDLLSEFNVL
KQVNHPHVIKLYGACSQDGPLLLIVEYAKYGSLRGFLRESRKVGPGYPDERALTMGDLISFAWQISQGMQYLAEMKLVHR
DLAARNILVAEGRKMKISDFGLSRDV(PTR)EEDS(PTR)VKRSQGRIPVKWMAIESLFDHIYTTQSDVWSFGVLLWEIV
TLGGNPYPGIPPERLFNLLKTGHRMERPDNCSEEMYRLMLQCWKQEPDKRPVFADISKDLEKMMVKR
;
_entity_poly.pdbx_strand_id   A
#
loop_
_chem_comp.id
_chem_comp.type
_chem_comp.name
_chem_comp.formula
DTQ non-polymer 4-[3-HYDROXYANILINO]-6,7-DIMETHOXYQUINAZOLINE 'C16 H15 N3 O3'
FMT non-polymer 'FORMIC ACID' 'C H2 O2'
#
# COMPACT_ATOMS: atom_id res chain seq x y z
N GLY A 1 -24.41 -12.09 -9.59
CA GLY A 1 -23.01 -12.49 -9.71
C GLY A 1 -22.30 -12.37 -8.38
N PRO A 2 -20.98 -12.58 -8.39
CA PRO A 2 -20.16 -12.53 -7.17
C PRO A 2 -20.29 -11.21 -6.43
N LEU A 3 -20.35 -10.09 -7.15
CA LEU A 3 -20.41 -8.78 -6.50
C LEU A 3 -21.76 -8.53 -5.85
N SER A 4 -22.83 -8.89 -6.54
CA SER A 4 -24.18 -8.69 -6.01
C SER A 4 -24.41 -9.52 -4.76
N LEU A 5 -23.81 -10.70 -4.71
CA LEU A 5 -23.85 -11.52 -3.50
C LEU A 5 -23.19 -10.80 -2.33
N SER A 6 -22.03 -10.19 -2.60
CA SER A 6 -21.29 -9.47 -1.59
C SER A 6 -22.03 -8.23 -1.12
N VAL A 7 -22.72 -7.57 -2.05
CA VAL A 7 -23.46 -6.37 -1.73
C VAL A 7 -24.65 -6.69 -0.83
N ASP A 8 -25.38 -7.74 -1.18
CA ASP A 8 -26.52 -8.17 -0.39
C ASP A 8 -26.09 -8.71 0.97
N ALA A 9 -24.98 -9.44 0.99
CA ALA A 9 -24.46 -10.01 2.21
C ALA A 9 -23.94 -8.93 3.16
N PHE A 10 -23.52 -7.81 2.60
CA PHE A 10 -22.97 -6.71 3.41
C PHE A 10 -24.05 -6.14 4.32
N LYS A 11 -25.27 -6.05 3.81
CA LYS A 11 -26.41 -5.56 4.59
C LYS A 11 -26.47 -6.22 5.95
N ILE A 12 -26.44 -7.54 5.97
CA ILE A 12 -26.42 -8.30 7.21
C ILE A 12 -24.98 -8.61 7.63
N ASP A 15 -21.26 -6.74 11.21
CA ASP A 15 -20.43 -6.39 12.36
C ASP A 15 -20.78 -4.99 12.86
N PRO A 16 -21.71 -4.90 13.81
CA PRO A 16 -22.16 -3.62 14.37
C PRO A 16 -21.02 -2.84 14.99
N LYS A 17 -19.91 -3.52 15.29
CA LYS A 17 -18.77 -2.87 15.92
C LYS A 17 -18.17 -1.79 15.02
N TRP A 18 -18.35 -1.94 13.72
CA TRP A 18 -17.68 -1.08 12.75
C TRP A 18 -18.59 -0.03 12.12
N GLU A 19 -19.84 0.00 12.56
CA GLU A 19 -20.82 0.92 11.95
C GLU A 19 -20.82 2.27 12.65
N PHE A 20 -20.66 3.33 11.88
CA PHE A 20 -20.66 4.69 12.41
C PHE A 20 -21.85 5.47 11.86
N PRO A 21 -22.47 6.29 12.71
CA PRO A 21 -23.63 7.11 12.31
C PRO A 21 -23.20 8.27 11.39
N ARG A 22 -23.81 8.37 10.22
CA ARG A 22 -23.45 9.38 9.24
C ARG A 22 -23.60 10.80 9.79
N LYS A 23 -24.57 10.99 10.68
CA LYS A 23 -24.84 12.29 11.28
C LYS A 23 -23.69 12.78 12.15
N ASN A 24 -22.78 11.89 12.49
CA ASN A 24 -21.62 12.23 13.31
C ASN A 24 -20.40 12.55 12.48
N LEU A 25 -20.56 12.48 11.16
CA LEU A 25 -19.43 12.63 10.25
C LEU A 25 -19.58 13.85 9.36
N VAL A 26 -18.57 14.71 9.38
CA VAL A 26 -18.54 15.86 8.48
C VAL A 26 -17.37 15.74 7.52
N LEU A 27 -17.66 15.81 6.23
CA LEU A 27 -16.65 15.59 5.20
C LEU A 27 -16.04 16.91 4.72
N GLY A 28 -14.74 16.91 4.52
CA GLY A 28 -14.04 18.11 4.08
C GLY A 28 -13.47 18.03 2.68
N LYS A 29 -12.28 18.59 2.52
CA LYS A 29 -11.64 18.71 1.21
C LYS A 29 -11.09 17.38 0.73
N THR A 30 -10.88 17.27 -0.59
CA THR A 30 -10.30 16.07 -1.16
C THR A 30 -8.80 16.01 -0.85
N LEU A 31 -8.33 14.85 -0.40
CA LEU A 31 -6.90 14.68 -0.12
C LEU A 31 -6.23 13.96 -1.28
N GLY A 32 -7.01 13.22 -2.06
CA GLY A 32 -6.49 12.44 -3.17
C GLY A 32 -7.63 11.80 -3.95
N GLU A 33 -7.42 11.62 -5.25
CA GLU A 33 -8.48 11.13 -6.11
C GLU A 33 -8.02 10.09 -7.11
N GLY A 34 -8.98 9.39 -7.69
CA GLY A 34 -8.73 8.41 -8.73
C GLY A 34 -9.85 8.49 -9.75
N GLU A 35 -9.93 7.52 -10.65
CA GLU A 35 -10.93 7.56 -11.70
C GLU A 35 -12.31 7.18 -11.18
N PHE A 36 -12.35 6.42 -10.09
CA PHE A 36 -13.62 5.92 -9.56
C PHE A 36 -13.79 6.08 -8.05
N GLY A 37 -12.85 6.76 -7.40
CA GLY A 37 -12.93 6.93 -5.96
C GLY A 37 -11.91 7.90 -5.40
N LYS A 38 -12.20 8.43 -4.20
CA LYS A 38 -11.33 9.44 -3.59
C LYS A 38 -11.24 9.32 -2.08
N VAL A 39 -10.15 9.87 -1.54
CA VAL A 39 -9.98 9.96 -0.09
C VAL A 39 -10.17 11.42 0.32
N VAL A 40 -10.95 11.61 1.37
CA VAL A 40 -11.38 12.95 1.78
C VAL A 40 -11.01 13.21 3.25
N LYS A 41 -10.75 14.46 3.58
CA LYS A 41 -10.52 14.81 4.98
C LYS A 41 -11.86 14.94 5.69
N ALA A 42 -11.92 14.43 6.92
CA ALA A 42 -13.18 14.43 7.63
C ALA A 42 -12.98 14.59 9.13
N THR A 43 -14.08 14.81 9.83
CA THR A 43 -14.04 14.92 11.28
C THR A 43 -15.18 14.09 11.85
N ALA A 44 -14.90 13.34 12.91
CA ALA A 44 -15.88 12.41 13.47
C ALA A 44 -16.22 12.69 14.93
N PHE A 45 -17.50 12.85 15.22
CA PHE A 45 -17.95 13.16 16.58
C PHE A 45 -18.25 11.89 17.38
N HIS A 46 -17.59 11.78 18.53
CA HIS A 46 -17.74 10.64 19.44
C HIS A 46 -17.41 9.32 18.75
N LEU A 47 -16.19 9.24 18.26
CA LEU A 47 -15.73 8.08 17.50
C LEU A 47 -15.05 7.05 18.38
N LYS A 48 -15.77 5.98 18.70
CA LYS A 48 -15.18 4.84 19.39
C LYS A 48 -14.61 5.20 20.76
N GLY A 49 -15.41 5.84 21.59
CA GLY A 49 -15.01 6.15 22.95
C GLY A 49 -14.12 7.38 23.07
N ARG A 50 -13.94 8.10 21.97
CA ARG A 50 -13.14 9.32 21.98
C ARG A 50 -14.05 10.55 22.03
N ALA A 51 -13.95 11.29 23.13
CA ALA A 51 -14.83 12.44 23.36
C ALA A 51 -14.61 13.52 22.30
N GLY A 52 -15.70 14.19 21.93
CA GLY A 52 -15.62 15.29 20.99
C GLY A 52 -15.30 14.86 19.57
N TYR A 53 -14.70 15.77 18.81
CA TYR A 53 -14.37 15.52 17.41
C TYR A 53 -12.99 14.92 17.24
N THR A 54 -12.87 14.02 16.28
CA THR A 54 -11.59 13.45 15.90
C THR A 54 -11.39 13.62 14.40
N THR A 55 -10.25 14.17 14.01
CA THR A 55 -9.92 14.29 12.60
C THR A 55 -9.59 12.93 12.01
N VAL A 56 -10.12 12.65 10.83
CA VAL A 56 -9.92 11.35 10.20
C VAL A 56 -9.87 11.47 8.69
N ALA A 57 -9.53 10.37 8.02
CA ALA A 57 -9.61 10.30 6.57
C ALA A 57 -10.78 9.40 6.18
N VAL A 58 -11.42 9.71 5.06
CA VAL A 58 -12.56 8.93 4.59
C VAL A 58 -12.41 8.57 3.13
N LYS A 59 -12.53 7.28 2.81
CA LYS A 59 -12.48 6.84 1.43
C LYS A 59 -13.86 6.48 0.91
N MET A 60 -14.18 6.96 -0.28
CA MET A 60 -15.48 6.74 -0.88
C MET A 60 -15.34 6.51 -2.38
N LEU A 61 -16.42 6.05 -3.01
CA LEU A 61 -16.46 5.93 -4.46
C LEU A 61 -16.91 7.24 -5.07
N LYS A 62 -16.73 7.38 -6.38
CA LYS A 62 -17.32 8.49 -7.11
C LYS A 62 -18.62 8.02 -7.75
N GLU A 63 -19.43 8.97 -8.24
CA GLU A 63 -20.77 8.66 -8.72
C GLU A 63 -20.76 7.64 -9.85
N ASN A 64 -19.70 7.66 -10.65
CA ASN A 64 -19.61 6.81 -11.82
C ASN A 64 -18.73 5.58 -11.60
N ALA A 65 -18.62 5.14 -10.35
CA ALA A 65 -17.77 4.00 -10.00
C ALA A 65 -18.17 2.74 -10.74
N SER A 66 -17.21 1.85 -10.93
CA SER A 66 -17.44 0.60 -11.64
C SER A 66 -17.54 -0.57 -10.68
N PRO A 67 -17.89 -1.76 -11.19
CA PRO A 67 -17.86 -2.99 -10.40
C PRO A 67 -16.50 -3.22 -9.73
N SER A 68 -15.43 -3.03 -10.47
CA SER A 68 -14.08 -3.23 -9.95
C SER A 68 -13.78 -2.34 -8.74
N GLU A 69 -14.15 -1.06 -8.84
CA GLU A 69 -13.87 -0.10 -7.78
C GLU A 69 -14.74 -0.39 -6.55
N LEU A 70 -15.99 -0.77 -6.77
CA LEU A 70 -16.87 -1.13 -5.67
C LEU A 70 -16.35 -2.36 -4.96
N ARG A 71 -15.98 -3.38 -5.73
CA ARG A 71 -15.43 -4.61 -5.16
C ARG A 71 -14.16 -4.35 -4.36
N ASP A 72 -13.34 -3.41 -4.84
CA ASP A 72 -12.10 -3.11 -4.15
C ASP A 72 -12.36 -2.46 -2.79
N LEU A 73 -13.37 -1.61 -2.72
CA LEU A 73 -13.69 -0.92 -1.48
C LEU A 73 -14.21 -1.91 -0.44
N LEU A 74 -15.14 -2.77 -0.86
CA LEU A 74 -15.66 -3.82 0.01
C LEU A 74 -14.53 -4.72 0.50
N SER A 75 -13.57 -4.96 -0.39
CA SER A 75 -12.44 -5.83 -0.09
C SER A 75 -11.48 -5.17 0.89
N GLU A 76 -11.28 -3.86 0.72
CA GLU A 76 -10.37 -3.12 1.59
C GLU A 76 -10.91 -3.04 3.01
N PHE A 77 -12.22 -2.82 3.13
CA PHE A 77 -12.88 -2.79 4.44
C PHE A 77 -12.74 -4.14 5.14
N ASN A 78 -13.03 -5.20 4.40
CA ASN A 78 -12.96 -6.55 4.93
C ASN A 78 -11.58 -6.93 5.45
N VAL A 79 -10.53 -6.49 4.76
CA VAL A 79 -9.16 -6.76 5.20
C VAL A 79 -8.80 -5.92 6.43
N LEU A 80 -9.09 -4.63 6.36
CA LEU A 80 -8.73 -3.69 7.43
C LEU A 80 -9.36 -4.03 8.77
N LYS A 81 -10.48 -4.75 8.75
CA LYS A 81 -11.13 -5.21 9.97
C LYS A 81 -10.30 -6.30 10.65
N GLN A 82 -9.36 -6.88 9.91
CA GLN A 82 -8.61 -8.03 10.39
C GLN A 82 -7.19 -7.68 10.82
N VAL A 83 -6.73 -6.48 10.50
CA VAL A 83 -5.34 -6.14 10.78
C VAL A 83 -5.18 -5.02 11.78
N ASN A 84 -4.30 -5.24 12.75
CA ASN A 84 -3.89 -4.22 13.70
C ASN A 84 -2.38 -4.23 13.83
N HIS A 85 -1.73 -3.18 13.34
CA HIS A 85 -0.29 -3.08 13.42
C HIS A 85 0.15 -1.62 13.36
N PRO A 86 1.22 -1.27 14.09
CA PRO A 86 1.75 0.09 14.15
C PRO A 86 2.02 0.70 12.77
N HIS A 87 2.36 -0.14 11.79
CA HIS A 87 2.73 0.34 10.46
C HIS A 87 1.73 -0.09 9.40
N VAL A 88 0.53 -0.45 9.83
CA VAL A 88 -0.59 -0.68 8.95
C VAL A 88 -1.68 0.33 9.32
N ILE A 89 -2.31 0.94 8.33
CA ILE A 89 -3.31 1.97 8.60
C ILE A 89 -4.43 1.40 9.45
N LYS A 90 -5.04 2.26 10.27
CA LYS A 90 -6.01 1.82 11.27
C LYS A 90 -7.45 2.16 10.91
N LEU A 91 -8.27 1.13 10.77
CA LEU A 91 -9.69 1.31 10.49
C LEU A 91 -10.44 1.74 11.75
N TYR A 92 -11.36 2.68 11.59
CA TYR A 92 -12.23 3.12 12.70
C TYR A 92 -13.62 2.55 12.53
N GLY A 93 -14.16 2.67 11.32
CA GLY A 93 -15.48 2.15 11.02
C GLY A 93 -15.91 2.44 9.60
N ALA A 94 -17.21 2.34 9.36
CA ALA A 94 -17.76 2.59 8.05
C ALA A 94 -19.19 3.06 8.12
N CYS A 95 -19.63 3.78 7.09
CA CYS A 95 -21.02 4.16 6.93
C CYS A 95 -21.58 3.48 5.69
N SER A 96 -22.62 2.67 5.86
CA SER A 96 -23.22 1.95 4.75
C SER A 96 -24.75 1.98 4.78
N GLN A 97 -25.30 2.41 5.91
CA GLN A 97 -26.75 2.52 6.05
C GLN A 97 -27.24 3.87 5.54
N ASP A 98 -28.23 3.85 4.65
CA ASP A 98 -28.84 5.05 4.10
C ASP A 98 -27.80 6.07 3.61
N GLY A 99 -27.12 5.73 2.53
CA GLY A 99 -26.12 6.62 1.96
C GLY A 99 -24.95 5.88 1.35
N PRO A 100 -24.03 6.63 0.72
CA PRO A 100 -22.84 6.05 0.08
C PRO A 100 -21.91 5.41 1.10
N LEU A 101 -21.29 4.30 0.71
CA LEU A 101 -20.36 3.60 1.58
C LEU A 101 -19.11 4.44 1.83
N LEU A 102 -18.75 4.59 3.10
CA LEU A 102 -17.59 5.38 3.48
C LEU A 102 -16.70 4.62 4.44
N LEU A 103 -15.40 4.62 4.18
CA LEU A 103 -14.42 4.02 5.08
C LEU A 103 -13.74 5.09 5.93
N ILE A 104 -13.68 4.85 7.23
CA ILE A 104 -13.09 5.81 8.16
C ILE A 104 -11.81 5.26 8.78
N VAL A 105 -10.69 5.93 8.53
CA VAL A 105 -9.40 5.53 9.07
C VAL A 105 -8.70 6.68 9.80
N GLU A 106 -7.67 6.35 10.56
CA GLU A 106 -6.85 7.35 11.24
C GLU A 106 -6.16 8.25 10.24
N TYR A 107 -6.24 9.55 10.48
CA TYR A 107 -5.67 10.56 9.59
C TYR A 107 -4.14 10.54 9.61
N ALA A 108 -3.53 10.59 8.43
CA ALA A 108 -2.08 10.59 8.30
C ALA A 108 -1.57 11.98 7.94
N LYS A 109 -0.83 12.57 8.87
CA LYS A 109 -0.41 13.98 8.80
C LYS A 109 0.20 14.41 7.46
N TYR A 110 1.26 13.73 7.03
CA TYR A 110 2.01 14.19 5.87
C TYR A 110 1.59 13.56 4.54
N GLY A 111 0.51 12.79 4.55
CA GLY A 111 0.03 12.17 3.33
C GLY A 111 0.90 11.04 2.82
N SER A 112 0.81 10.76 1.52
CA SER A 112 1.53 9.64 0.93
C SER A 112 3.04 9.84 0.97
N LEU A 113 3.77 8.73 1.07
CA LEU A 113 5.22 8.77 1.15
C LEU A 113 5.85 9.30 -0.14
N ARG A 114 5.18 9.11 -1.26
CA ARG A 114 5.70 9.58 -2.52
C ARG A 114 5.70 11.11 -2.58
N GLY A 115 4.55 11.70 -2.25
CA GLY A 115 4.40 13.15 -2.26
C GLY A 115 5.23 13.81 -1.18
N PHE A 116 5.48 13.07 -0.11
CA PHE A 116 6.31 13.55 0.99
C PHE A 116 7.78 13.61 0.57
N LEU A 117 8.24 12.57 -0.11
CA LEU A 117 9.64 12.50 -0.56
C LEU A 117 9.92 13.53 -1.66
N ARG A 118 8.93 13.78 -2.51
CA ARG A 118 9.12 14.70 -3.62
C ARG A 118 9.10 16.15 -3.13
N GLU A 119 8.28 16.43 -2.12
CA GLU A 119 8.29 17.75 -1.50
C GLU A 119 9.63 17.98 -0.80
N SER A 120 10.21 16.91 -0.28
CA SER A 120 11.46 16.98 0.44
C SER A 120 12.61 17.48 -0.42
N ARG A 121 12.47 17.36 -1.74
CA ARG A 121 13.51 17.78 -2.66
C ARG A 121 13.19 19.14 -3.27
N LYS A 122 12.89 20.11 -2.41
CA LYS A 122 12.54 21.45 -2.87
C LYS A 122 12.93 22.52 -1.86
N VAL A 123 13.17 23.73 -2.35
CA VAL A 123 13.55 24.89 -1.55
C VAL A 123 14.60 24.56 -0.49
N GLU A 130 10.75 20.72 8.80
CA GLU A 130 11.73 21.67 9.31
C GLU A 130 13.16 21.16 9.09
N ARG A 131 13.32 19.85 9.03
CA ARG A 131 14.63 19.24 8.87
C ARG A 131 14.71 18.40 7.59
N ALA A 132 15.90 18.38 6.97
CA ALA A 132 16.12 17.64 5.74
C ALA A 132 16.23 16.15 5.97
N LEU A 133 15.73 15.36 5.02
CA LEU A 133 15.77 13.91 5.11
C LEU A 133 17.18 13.38 4.93
N THR A 134 17.67 12.65 5.92
CA THR A 134 19.00 12.04 5.85
C THR A 134 18.90 10.62 5.34
N MET A 135 20.05 10.00 5.09
CA MET A 135 20.08 8.62 4.67
C MET A 135 19.51 7.73 5.76
N GLY A 136 19.89 8.01 7.00
CA GLY A 136 19.38 7.27 8.14
C GLY A 136 17.87 7.33 8.23
N ASP A 137 17.30 8.46 7.79
CA ASP A 137 15.85 8.62 7.77
C ASP A 137 15.22 7.67 6.77
N LEU A 138 15.82 7.60 5.58
CA LEU A 138 15.29 6.77 4.52
C LEU A 138 15.36 5.29 4.87
N ILE A 139 16.44 4.89 5.54
CA ILE A 139 16.60 3.53 6.00
C ILE A 139 15.60 3.22 7.10
N SER A 140 15.32 4.21 7.93
CA SER A 140 14.31 4.08 8.98
C SER A 140 12.93 3.82 8.38
N PHE A 141 12.60 4.53 7.30
CA PHE A 141 11.30 4.37 6.65
C PHE A 141 11.15 2.96 6.07
N ALA A 142 12.17 2.51 5.35
CA ALA A 142 12.15 1.19 4.74
C ALA A 142 11.98 0.09 5.79
N TRP A 143 12.68 0.25 6.91
CA TRP A 143 12.60 -0.70 8.00
C TRP A 143 11.20 -0.73 8.62
N GLN A 144 10.61 0.44 8.84
CA GLN A 144 9.25 0.52 9.36
C GLN A 144 8.27 -0.20 8.45
N ILE A 145 8.47 -0.06 7.15
CA ILE A 145 7.62 -0.72 6.16
C ILE A 145 7.90 -2.22 6.10
N SER A 146 9.18 -2.58 6.23
CA SER A 146 9.58 -3.97 6.26
C SER A 146 8.92 -4.70 7.44
N GLN A 147 8.80 -4.02 8.56
CA GLN A 147 8.17 -4.58 9.75
C GLN A 147 6.69 -4.86 9.54
N GLY A 148 6.02 -3.96 8.83
CA GLY A 148 4.60 -4.11 8.56
C GLY A 148 4.31 -5.24 7.61
N MET A 149 5.22 -5.45 6.65
CA MET A 149 5.07 -6.54 5.69
C MET A 149 5.38 -7.88 6.35
N GLN A 150 6.33 -7.87 7.27
CA GLN A 150 6.66 -9.05 8.06
C GLN A 150 5.44 -9.49 8.89
N TYR A 151 4.59 -8.53 9.23
CA TYR A 151 3.35 -8.81 9.96
C TYR A 151 2.28 -9.39 9.05
N LEU A 152 2.13 -8.80 7.87
CA LEU A 152 1.14 -9.25 6.91
C LEU A 152 1.47 -10.63 6.37
N ALA A 153 2.72 -10.83 5.98
CA ALA A 153 3.17 -12.11 5.44
C ALA A 153 2.98 -13.22 6.46
N GLU A 154 3.18 -12.89 7.73
CA GLU A 154 3.02 -13.86 8.81
C GLU A 154 1.54 -14.22 9.01
N MET A 155 0.65 -13.45 8.40
CA MET A 155 -0.77 -13.80 8.39
C MET A 155 -1.17 -14.37 7.04
N LYS A 156 -0.18 -14.62 6.20
CA LYS A 156 -0.40 -15.15 4.86
C LYS A 156 -1.34 -14.24 4.08
N LEU A 157 -1.05 -12.95 4.14
CA LEU A 157 -1.80 -11.95 3.40
C LEU A 157 -0.86 -11.26 2.41
N VAL A 158 -1.25 -11.27 1.14
CA VAL A 158 -0.45 -10.64 0.10
C VAL A 158 -1.05 -9.29 -0.29
N HIS A 159 -0.24 -8.24 -0.21
CA HIS A 159 -0.72 -6.89 -0.48
C HIS A 159 -0.98 -6.67 -1.96
N ARG A 160 0.00 -7.06 -2.79
CA ARG A 160 -0.11 -7.01 -4.26
C ARG A 160 0.07 -5.62 -4.85
N ASP A 161 0.16 -4.60 -4.01
CA ASP A 161 0.27 -3.24 -4.52
C ASP A 161 1.19 -2.36 -3.69
N LEU A 162 2.33 -2.91 -3.30
CA LEU A 162 3.35 -2.15 -2.59
C LEU A 162 3.97 -1.08 -3.49
N ALA A 163 3.90 0.17 -3.04
CA ALA A 163 4.44 1.29 -3.79
C ALA A 163 4.43 2.53 -2.90
N ALA A 164 5.30 3.49 -3.20
CA ALA A 164 5.45 4.68 -2.36
C ALA A 164 4.16 5.49 -2.30
N ARG A 165 3.39 5.45 -3.38
CA ARG A 165 2.09 6.11 -3.44
C ARG A 165 1.09 5.46 -2.48
N ASN A 166 1.34 4.20 -2.13
CA ASN A 166 0.43 3.43 -1.28
C ASN A 166 0.93 3.30 0.16
N ILE A 167 1.95 4.09 0.49
CA ILE A 167 2.40 4.21 1.87
C ILE A 167 2.08 5.62 2.37
N LEU A 168 1.63 5.71 3.62
CA LEU A 168 1.28 7.00 4.20
C LEU A 168 2.26 7.39 5.29
N VAL A 169 2.47 8.69 5.45
CA VAL A 169 3.34 9.20 6.50
C VAL A 169 2.55 10.01 7.52
N ALA A 170 2.52 9.50 8.75
CA ALA A 170 1.75 10.12 9.82
C ALA A 170 2.64 10.94 10.73
N GLU A 171 2.07 11.39 11.85
CA GLU A 171 2.78 12.22 12.82
C GLU A 171 4.09 11.59 13.24
N GLY A 172 5.14 12.40 13.30
CA GLY A 172 6.44 11.92 13.70
C GLY A 172 7.10 11.00 12.68
N ARG A 173 6.68 11.12 11.43
CA ARG A 173 7.29 10.35 10.34
C ARG A 173 7.16 8.85 10.54
N LYS A 174 5.96 8.39 10.83
CA LYS A 174 5.71 6.96 10.98
C LYS A 174 5.04 6.41 9.72
N MET A 175 5.57 5.31 9.20
CA MET A 175 5.05 4.73 7.97
C MET A 175 3.76 3.94 8.20
N LYS A 176 2.83 4.04 7.25
CA LYS A 176 1.57 3.32 7.30
C LYS A 176 1.23 2.71 5.94
N ILE A 177 1.35 1.39 5.84
CA ILE A 177 0.95 0.71 4.62
C ILE A 177 -0.56 0.88 4.43
N SER A 178 -0.96 1.33 3.25
CA SER A 178 -2.37 1.57 2.98
C SER A 178 -2.81 0.92 1.68
N ASP A 179 -4.03 1.21 1.26
CA ASP A 179 -4.57 0.72 0.00
C ASP A 179 -4.53 -0.81 -0.06
N PHE A 180 -5.49 -1.44 0.61
CA PHE A 180 -5.55 -2.90 0.71
C PHE A 180 -6.63 -3.50 -0.19
N GLY A 181 -7.16 -2.69 -1.11
CA GLY A 181 -8.24 -3.14 -1.97
C GLY A 181 -7.91 -4.33 -2.87
N LEU A 182 -6.63 -4.56 -3.11
CA LEU A 182 -6.21 -5.62 -4.01
C LEU A 182 -5.58 -6.80 -3.26
N SER A 183 -5.34 -6.62 -1.97
CA SER A 183 -4.69 -7.66 -1.19
C SER A 183 -5.57 -8.89 -1.08
N ARG A 184 -4.95 -10.06 -1.02
CA ARG A 184 -5.70 -11.31 -0.94
C ARG A 184 -5.14 -12.22 0.15
N ASP A 185 -6.00 -13.05 0.72
CA ASP A 185 -5.56 -14.07 1.67
C ASP A 185 -5.07 -15.30 0.91
N VAL A 186 -3.93 -15.82 1.33
CA VAL A 186 -3.34 -16.99 0.68
C VAL A 186 -2.95 -18.07 1.68
N PTR A 187 -3.81 -18.29 2.67
CA PTR A 187 -3.53 -19.28 3.71
C PTR A 187 -3.49 -20.69 3.12
O PTR A 187 -2.56 -21.45 3.37
CB PTR A 187 -4.57 -19.21 4.83
CG PTR A 187 -4.30 -20.11 6.02
CD1 PTR A 187 -4.86 -21.37 6.11
CD2 PTR A 187 -3.50 -19.69 7.07
CE1 PTR A 187 -4.63 -22.19 7.19
CE2 PTR A 187 -3.25 -20.50 8.16
CZ PTR A 187 -3.82 -21.76 8.21
OH PTR A 187 -3.60 -22.52 9.25
P PTR A 187 -2.54 -23.74 9.22
O1P PTR A 187 -2.51 -24.34 7.87
O2P PTR A 187 -1.14 -23.21 9.59
O3P PTR A 187 -2.98 -24.81 10.25
N GLU A 188 -4.49 -21.01 2.30
CA GLU A 188 -4.64 -22.34 1.75
C GLU A 188 -3.52 -22.74 0.79
N GLU A 189 -3.35 -21.98 -0.29
CA GLU A 189 -2.46 -22.41 -1.38
C GLU A 189 -1.18 -21.60 -1.50
N ASP A 190 -1.02 -20.59 -0.65
CA ASP A 190 0.20 -19.79 -0.61
C ASP A 190 0.40 -18.94 -1.88
N SER A 191 -0.54 -18.99 -2.79
CA SER A 191 -0.50 -18.13 -3.97
C SER A 191 -1.88 -17.65 -4.35
N PTR A 192 -1.96 -16.41 -4.83
CA PTR A 192 -3.20 -15.90 -5.40
C PTR A 192 -3.00 -15.73 -6.91
O PTR A 192 -1.95 -15.26 -7.33
CB PTR A 192 -3.67 -14.60 -4.74
CG PTR A 192 -4.72 -13.87 -5.54
CD1 PTR A 192 -6.06 -14.20 -5.46
CD2 PTR A 192 -4.36 -12.83 -6.39
CE1 PTR A 192 -7.01 -13.53 -6.21
CE2 PTR A 192 -5.30 -12.16 -7.14
CZ PTR A 192 -6.63 -12.51 -7.04
OH PTR A 192 -7.48 -11.84 -7.77
P PTR A 192 -9.04 -12.25 -7.89
O1P PTR A 192 -9.69 -11.31 -8.84
O2P PTR A 192 -9.18 -13.69 -8.42
O3P PTR A 192 -9.72 -12.14 -6.51
N VAL A 193 -4.00 -16.12 -7.69
CA VAL A 193 -3.87 -16.09 -9.13
C VAL A 193 -5.05 -15.36 -9.76
N LYS A 194 -4.75 -14.37 -10.60
CA LYS A 194 -5.77 -13.63 -11.32
C LYS A 194 -5.76 -13.98 -12.80
N ARG A 195 -6.91 -14.42 -13.31
CA ARG A 195 -6.99 -14.86 -14.70
C ARG A 195 -6.95 -13.68 -15.67
N SER A 196 -7.57 -12.57 -15.27
CA SER A 196 -7.61 -11.39 -16.12
C SER A 196 -6.47 -10.43 -15.79
N GLN A 197 -6.37 -9.34 -16.57
CA GLN A 197 -5.28 -8.40 -16.37
C GLN A 197 -5.46 -7.58 -15.11
N GLY A 198 -4.42 -7.52 -14.28
CA GLY A 198 -4.47 -6.77 -13.04
C GLY A 198 -4.63 -5.28 -13.26
N ARG A 199 -4.96 -4.57 -12.20
CA ARG A 199 -5.02 -3.11 -12.22
C ARG A 199 -3.89 -2.54 -11.38
N ILE A 200 -2.82 -3.32 -11.29
CA ILE A 200 -1.58 -2.88 -10.65
C ILE A 200 -0.60 -2.40 -11.71
N PRO A 201 0.07 -1.26 -11.45
CA PRO A 201 1.05 -0.70 -12.38
C PRO A 201 2.14 -1.70 -12.81
N VAL A 202 2.35 -1.80 -14.11
CA VAL A 202 3.33 -2.70 -14.71
C VAL A 202 4.72 -2.63 -14.07
N LYS A 203 5.22 -1.42 -13.82
CA LYS A 203 6.61 -1.25 -13.41
C LYS A 203 6.89 -1.65 -11.97
N TRP A 204 5.84 -2.05 -11.24
CA TRP A 204 6.00 -2.47 -9.85
C TRP A 204 5.80 -3.98 -9.67
N MET A 205 5.22 -4.64 -10.67
CA MET A 205 4.92 -6.07 -10.54
C MET A 205 6.13 -6.96 -10.76
N ALA A 206 6.15 -8.09 -10.08
CA ALA A 206 7.22 -9.07 -10.24
C ALA A 206 7.12 -9.77 -11.59
N ILE A 207 8.24 -10.33 -12.04
CA ILE A 207 8.31 -10.97 -13.35
C ILE A 207 7.28 -12.09 -13.52
N GLU A 208 7.01 -12.85 -12.46
CA GLU A 208 6.04 -13.94 -12.53
C GLU A 208 4.60 -13.45 -12.41
N SER A 209 4.42 -12.27 -11.80
CA SER A 209 3.10 -11.65 -11.70
C SER A 209 2.73 -11.02 -13.02
N LEU A 210 3.68 -10.33 -13.64
CA LEU A 210 3.47 -9.67 -14.92
C LEU A 210 3.18 -10.67 -16.04
N PHE A 211 3.98 -11.74 -16.10
CA PHE A 211 3.84 -12.74 -17.15
C PHE A 211 2.81 -13.81 -16.81
N ASP A 212 2.83 -14.31 -15.58
CA ASP A 212 2.03 -15.48 -15.22
C ASP A 212 0.82 -15.17 -14.34
N HIS A 213 0.68 -13.91 -13.92
CA HIS A 213 -0.42 -13.49 -13.05
C HIS A 213 -0.40 -14.21 -11.71
N ILE A 214 0.80 -14.46 -11.21
CA ILE A 214 0.98 -15.19 -9.96
C ILE A 214 1.48 -14.27 -8.85
N TYR A 215 0.73 -14.21 -7.76
CA TYR A 215 1.07 -13.31 -6.66
C TYR A 215 1.31 -14.07 -5.35
N THR A 216 2.42 -13.74 -4.70
CA THR A 216 2.78 -14.37 -3.42
C THR A 216 3.49 -13.35 -2.52
N THR A 217 3.91 -13.79 -1.35
CA THR A 217 4.67 -12.93 -0.44
C THR A 217 5.99 -12.56 -1.10
N GLN A 218 6.54 -13.47 -1.89
CA GLN A 218 7.82 -13.24 -2.55
C GLN A 218 7.69 -12.23 -3.69
N SER A 219 6.49 -12.10 -4.26
CA SER A 219 6.26 -11.07 -5.26
C SER A 219 6.03 -9.73 -4.57
N ASP A 220 5.50 -9.77 -3.36
CA ASP A 220 5.43 -8.57 -2.53
C ASP A 220 6.84 -8.06 -2.27
N VAL A 221 7.78 -9.00 -2.12
CA VAL A 221 9.18 -8.66 -1.90
C VAL A 221 9.77 -7.93 -3.10
N TRP A 222 9.40 -8.38 -4.30
CA TRP A 222 9.82 -7.71 -5.53
C TRP A 222 9.38 -6.26 -5.52
N SER A 223 8.10 -6.02 -5.22
CA SER A 223 7.56 -4.66 -5.17
C SER A 223 8.24 -3.80 -4.12
N PHE A 224 8.63 -4.42 -3.00
CA PHE A 224 9.36 -3.69 -1.96
C PHE A 224 10.71 -3.24 -2.48
N GLY A 225 11.25 -3.98 -3.45
CA GLY A 225 12.50 -3.61 -4.08
C GLY A 225 12.38 -2.35 -4.90
N VAL A 226 11.27 -2.22 -5.62
CA VAL A 226 10.99 -1.01 -6.37
C VAL A 226 10.69 0.13 -5.40
N LEU A 227 10.07 -0.23 -4.28
CA LEU A 227 9.78 0.75 -3.22
C LEU A 227 11.07 1.29 -2.63
N LEU A 228 12.02 0.38 -2.38
CA LEU A 228 13.36 0.80 -1.95
C LEU A 228 13.94 1.83 -2.91
N TRP A 229 13.68 1.62 -4.20
CA TRP A 229 14.21 2.49 -5.23
C TRP A 229 13.55 3.88 -5.18
N GLU A 230 12.22 3.92 -5.01
CA GLU A 230 11.50 5.19 -4.92
C GLU A 230 12.05 6.02 -3.76
N ILE A 231 12.20 5.37 -2.62
CA ILE A 231 12.70 6.00 -1.41
C ILE A 231 14.08 6.65 -1.61
N VAL A 232 15.02 5.86 -2.12
CA VAL A 232 16.39 6.31 -2.33
C VAL A 232 16.49 7.46 -3.32
N THR A 233 15.58 7.48 -4.28
CA THR A 233 15.56 8.56 -5.26
C THR A 233 14.60 9.66 -4.86
N LEU A 234 14.09 9.59 -3.63
CA LEU A 234 13.13 10.56 -3.13
C LEU A 234 11.94 10.72 -4.08
N GLY A 235 11.37 9.60 -4.48
CA GLY A 235 10.15 9.61 -5.26
C GLY A 235 10.38 9.63 -6.76
N GLY A 236 11.44 8.94 -7.19
CA GLY A 236 11.74 8.83 -8.61
C GLY A 236 10.78 7.91 -9.33
N ASN A 237 10.76 8.00 -10.64
CA ASN A 237 9.94 7.10 -11.45
C ASN A 237 10.73 5.89 -11.88
N PRO A 238 10.26 4.70 -11.51
CA PRO A 238 10.94 3.44 -11.87
C PRO A 238 11.16 3.33 -13.37
N TYR A 239 12.24 2.65 -13.76
CA TYR A 239 12.60 2.46 -15.16
C TYR A 239 12.40 3.73 -15.98
N PRO A 240 13.06 4.82 -15.56
CA PRO A 240 12.84 6.17 -16.07
C PRO A 240 13.04 6.31 -17.58
N GLY A 241 12.01 6.78 -18.26
CA GLY A 241 12.07 7.00 -19.69
C GLY A 241 11.69 5.78 -20.50
N ILE A 242 11.61 4.63 -19.83
CA ILE A 242 11.26 3.39 -20.50
C ILE A 242 9.76 3.15 -20.48
N PRO A 243 9.16 2.91 -21.66
CA PRO A 243 7.73 2.64 -21.76
C PRO A 243 7.37 1.36 -21.03
N PRO A 244 6.25 1.35 -20.30
CA PRO A 244 5.81 0.17 -19.54
C PRO A 244 5.74 -1.09 -20.40
N GLU A 245 5.32 -0.95 -21.66
CA GLU A 245 5.15 -2.10 -22.54
C GLU A 245 6.48 -2.77 -22.90
N ARG A 246 7.59 -2.12 -22.58
CA ARG A 246 8.90 -2.68 -22.87
C ARG A 246 9.44 -3.52 -21.72
N LEU A 247 8.71 -3.53 -20.61
CA LEU A 247 9.15 -4.23 -19.41
C LEU A 247 9.17 -5.73 -19.59
N PHE A 248 8.27 -6.24 -20.43
CA PHE A 248 8.19 -7.67 -20.71
C PHE A 248 9.53 -8.18 -21.22
N ASN A 249 9.98 -7.60 -22.33
CA ASN A 249 11.23 -8.00 -22.97
C ASN A 249 12.44 -7.67 -22.13
N LEU A 250 12.36 -6.55 -21.39
CA LEU A 250 13.49 -6.06 -20.62
C LEU A 250 13.79 -6.96 -19.44
N LEU A 251 12.73 -7.40 -18.76
CA LEU A 251 12.89 -8.25 -17.59
C LEU A 251 13.17 -9.69 -17.98
N LYS A 252 12.55 -10.13 -19.09
CA LYS A 252 12.73 -11.51 -19.52
C LYS A 252 14.14 -11.75 -20.03
N THR A 253 14.84 -10.69 -20.40
CA THR A 253 16.23 -10.80 -20.83
C THR A 253 17.20 -10.44 -19.70
N GLY A 254 16.67 -10.39 -18.47
CA GLY A 254 17.50 -10.27 -17.29
C GLY A 254 17.98 -8.88 -16.92
N HIS A 255 17.37 -7.86 -17.51
CA HIS A 255 17.74 -6.49 -17.18
C HIS A 255 17.01 -5.96 -15.95
N ARG A 256 17.71 -5.16 -15.16
CA ARG A 256 17.13 -4.54 -13.97
C ARG A 256 17.51 -3.05 -13.92
N MET A 257 16.82 -2.29 -13.08
CA MET A 257 17.18 -0.89 -12.87
C MET A 257 18.61 -0.77 -12.37
N GLU A 258 19.30 0.30 -12.75
CA GLU A 258 20.67 0.50 -12.31
C GLU A 258 20.72 1.28 -11.01
N ARG A 259 21.89 1.31 -10.38
CA ARG A 259 22.05 1.96 -9.10
C ARG A 259 21.89 3.47 -9.22
N PRO A 260 20.98 4.04 -8.42
CA PRO A 260 20.74 5.49 -8.37
C PRO A 260 21.97 6.25 -7.88
N ASP A 261 22.12 7.49 -8.34
CA ASP A 261 23.29 8.30 -8.00
C ASP A 261 23.48 8.44 -6.50
N ASN A 262 22.37 8.57 -5.76
CA ASN A 262 22.44 8.68 -4.31
C ASN A 262 21.94 7.43 -3.62
N CYS A 263 22.64 6.32 -3.83
CA CYS A 263 22.28 5.04 -3.23
C CYS A 263 23.53 4.24 -2.91
N SER A 264 23.67 3.82 -1.65
CA SER A 264 24.83 3.04 -1.23
C SER A 264 24.83 1.68 -1.91
N GLU A 265 26.00 1.05 -1.95
CA GLU A 265 26.15 -0.26 -2.55
C GLU A 265 25.38 -1.29 -1.75
N GLU A 266 25.40 -1.16 -0.43
CA GLU A 266 24.70 -2.08 0.45
C GLU A 266 23.21 -2.09 0.15
N MET A 267 22.66 -0.91 -0.09
CA MET A 267 21.24 -0.79 -0.39
C MET A 267 20.89 -1.33 -1.77
N TYR A 268 21.77 -1.11 -2.73
CA TYR A 268 21.52 -1.57 -4.09
C TYR A 268 21.55 -3.08 -4.16
N ARG A 269 22.46 -3.70 -3.41
CA ARG A 269 22.56 -5.15 -3.34
C ARG A 269 21.25 -5.76 -2.85
N LEU A 270 20.60 -5.08 -1.91
CA LEU A 270 19.32 -5.54 -1.38
C LEU A 270 18.25 -5.46 -2.46
N MET A 271 18.25 -4.37 -3.22
CA MET A 271 17.32 -4.21 -4.34
C MET A 271 17.46 -5.36 -5.32
N LEU A 272 18.69 -5.67 -5.69
CA LEU A 272 18.96 -6.73 -6.65
C LEU A 272 18.51 -8.08 -6.13
N GLN A 273 18.67 -8.29 -4.82
CA GLN A 273 18.21 -9.52 -4.19
C GLN A 273 16.70 -9.66 -4.31
N CYS A 274 15.97 -8.57 -4.04
CA CYS A 274 14.52 -8.57 -4.16
C CYS A 274 14.06 -8.82 -5.60
N TRP A 275 14.97 -8.62 -6.55
CA TRP A 275 14.62 -8.68 -7.98
C TRP A 275 15.14 -9.95 -8.66
N LYS A 276 15.52 -10.96 -7.87
CA LYS A 276 15.95 -12.23 -8.44
C LYS A 276 14.82 -12.88 -9.23
N GLN A 277 15.17 -13.58 -10.31
CA GLN A 277 14.16 -14.21 -11.14
C GLN A 277 13.44 -15.32 -10.37
N GLU A 278 14.21 -16.21 -9.76
CA GLU A 278 13.66 -17.26 -8.93
C GLU A 278 13.12 -16.65 -7.63
N PRO A 279 11.79 -16.71 -7.44
CA PRO A 279 11.11 -16.09 -6.30
C PRO A 279 11.61 -16.57 -4.95
N ASP A 280 12.05 -17.83 -4.88
CA ASP A 280 12.56 -18.36 -3.62
C ASP A 280 14.03 -18.01 -3.42
N LYS A 281 14.63 -17.40 -4.44
CA LYS A 281 16.00 -16.91 -4.33
C LYS A 281 16.02 -15.53 -3.68
N ARG A 282 14.84 -14.95 -3.51
CA ARG A 282 14.71 -13.64 -2.90
C ARG A 282 14.67 -13.75 -1.39
N PRO A 283 15.07 -12.69 -0.69
CA PRO A 283 14.99 -12.69 0.78
C PRO A 283 13.54 -12.56 1.23
N VAL A 284 13.24 -13.07 2.42
CA VAL A 284 11.93 -12.87 3.03
C VAL A 284 11.97 -11.60 3.86
N PHE A 285 10.80 -11.07 4.20
CA PHE A 285 10.74 -9.77 4.88
C PHE A 285 11.48 -9.75 6.22
N ALA A 286 11.62 -10.91 6.85
CA ALA A 286 12.39 -11.00 8.08
C ALA A 286 13.87 -10.72 7.80
N ASP A 287 14.35 -11.19 6.67
CA ASP A 287 15.73 -10.95 6.25
C ASP A 287 15.96 -9.49 5.89
N ILE A 288 14.96 -8.88 5.26
CA ILE A 288 15.02 -7.49 4.85
C ILE A 288 15.14 -6.57 6.05
N SER A 289 14.31 -6.82 7.07
CA SER A 289 14.40 -6.07 8.32
C SER A 289 15.80 -6.22 8.91
N LYS A 290 16.28 -7.46 8.96
CA LYS A 290 17.60 -7.74 9.52
C LYS A 290 18.69 -7.01 8.72
N ASP A 291 18.55 -7.03 7.40
CA ASP A 291 19.50 -6.34 6.53
C ASP A 291 19.49 -4.85 6.80
N LEU A 292 18.30 -4.27 6.83
CA LEU A 292 18.14 -2.84 7.04
C LEU A 292 18.65 -2.40 8.42
N GLU A 293 18.49 -3.26 9.42
CA GLU A 293 18.97 -2.95 10.77
C GLU A 293 20.49 -2.93 10.82
N LYS A 294 21.11 -3.86 10.10
CA LYS A 294 22.57 -3.93 10.03
C LYS A 294 23.12 -2.70 9.33
N MET A 295 22.34 -2.13 8.42
CA MET A 295 22.73 -0.94 7.71
C MET A 295 22.82 0.28 8.63
N MET A 296 22.00 0.30 9.68
CA MET A 296 22.04 1.42 10.62
C MET A 296 22.90 1.12 11.84
N VAL A 297 23.79 0.14 11.71
CA VAL A 297 24.73 -0.20 12.78
C VAL A 297 26.11 -0.50 12.21
N1 DTQ B . -5.71 7.83 5.10
C2 DTQ B . -5.34 8.66 6.09
N3 DTQ B . -4.79 9.85 6.00
C4 DTQ B . -4.55 10.30 4.71
C5 DTQ B . -4.88 9.54 3.60
C6 DTQ B . -5.50 8.26 3.86
C7 DTQ B . -3.97 11.58 4.54
C8 DTQ B . -3.71 12.06 3.29
C9 DTQ B . -4.03 11.30 2.16
C10 DTQ B . -4.61 10.06 2.31
N12 DTQ B . -5.81 7.42 2.83
C14 DTQ B . -6.56 6.23 2.88
C15 DTQ B . -6.19 5.18 2.06
C16 DTQ B . -6.90 3.99 2.10
C17 DTQ B . -7.99 3.85 2.94
C18 DTQ B . -8.35 4.91 3.75
C19 DTQ B . -7.64 6.10 3.73
O21 DTQ B . -6.50 2.97 1.30
O26 DTQ B . -3.14 13.28 3.02
C27 DTQ B . -2.81 14.10 4.13
O31 DTQ B . -3.73 11.89 0.96
C32 DTQ B . -4.02 11.17 -0.24
H1 DTQ B . -3.76 11.69 -1.01
H2 DTQ B . -3.53 10.33 -0.24
H21 DTQ B . -5.51 8.35 6.96
H3 DTQ B . -3.60 14.30 4.64
H71 DTQ B . -3.75 12.09 5.29
H101 DTQ B . -4.82 9.55 1.54
H8 DTQ B . -5.45 7.62 2.06
H9 DTQ B . -5.45 5.27 1.50
H11 DTQ B . -8.48 3.04 2.97
H12 DTQ B . -9.11 4.82 4.33
H13 DTQ B . -7.91 6.82 4.29
H10 DTQ B . -7.01 2.28 1.41
H5 DTQ B . -2.41 14.94 3.81
H4 DTQ B . -2.17 13.65 4.69
H DTQ B . -4.98 10.98 -0.27
C FMT C . -21.87 -9.58 -10.43
O1 FMT C . -20.69 -9.58 -10.09
O2 FMT C . -22.76 -9.17 -9.69
H FMT C . -22.17 -9.94 -11.42
HO2 FMT C . -22.53 -8.83 -8.80
C FMT D . -5.81 -6.70 -9.61
O1 FMT D . -6.63 -6.03 -10.24
O2 FMT D . -6.15 -7.47 -8.72
H FMT D . -4.75 -6.64 -9.84
HO2 FMT D . -7.10 -7.56 -8.47
C FMT E . -4.44 18.61 5.02
O1 FMT E . -3.36 18.61 4.43
O2 FMT E . -4.79 19.58 5.71
H FMT E . -5.11 17.76 4.97
HO2 FMT E . -4.21 20.37 5.78
C FMT F . 10.54 -15.54 -17.47
O1 FMT F . 10.70 -14.63 -18.27
O2 FMT F . 9.45 -15.74 -16.93
H FMT F . 11.36 -16.20 -17.21
HO2 FMT F . 8.68 -15.17 -17.15
C FMT G . 8.84 -13.37 5.72
O1 FMT G . 7.91 -13.00 5.01
O2 FMT G . 9.11 -12.82 6.78
H FMT G . 9.47 -14.21 5.42
HO2 FMT G . 8.57 -12.06 7.10
C FMT H . -19.28 4.16 17.11
O1 FMT H . -18.08 4.37 17.16
O2 FMT H . -20.10 5.05 17.34
H FMT H . -19.68 3.18 16.86
HO2 FMT H . -19.79 5.95 17.57
C FMT I . -7.31 18.92 12.89
O1 FMT I . -6.81 18.98 11.76
O2 FMT I . -6.68 18.52 13.87
H FMT I . -8.34 19.23 13.05
HO2 FMT I . -5.75 18.24 13.77
#